data_7W8T
#
_entry.id   7W8T
#
_entity_poly.entity_id   1
_entity_poly.type   'polypeptide(L)'
_entity_poly.pdbx_seq_one_letter_code
;GCPPCASGCSPETGEFCWREDDCPPC
;
_entity_poly.pdbx_strand_id   A
#
# COMPACT_ATOMS: atom_id res chain seq x y z
N GLY A 1 4.64 5.64 9.83
CA GLY A 1 3.94 5.95 8.56
C GLY A 1 3.54 4.68 7.84
N CYS A 2 2.73 4.83 6.81
CA CYS A 2 2.25 3.68 6.04
C CYS A 2 3.34 3.18 5.09
N PRO A 3 3.44 1.85 4.90
CA PRO A 3 4.34 1.25 3.93
C PRO A 3 3.74 1.25 2.52
N PRO A 4 4.57 1.52 1.49
CA PRO A 4 4.11 1.61 0.10
C PRO A 4 3.40 0.34 -0.36
N CYS A 5 2.22 0.52 -0.95
CA CYS A 5 1.40 -0.58 -1.47
C CYS A 5 1.12 -1.64 -0.41
N ALA A 6 1.13 -1.22 0.85
CA ALA A 6 0.83 -2.10 1.96
C ALA A 6 -0.23 -1.46 2.86
N SER A 7 0.15 -0.37 3.52
CA SER A 7 -0.78 0.39 4.38
C SER A 7 -1.53 -0.53 5.36
N GLY A 8 -0.80 -1.43 6.00
CA GLY A 8 -1.40 -2.29 7.00
C GLY A 8 -1.93 -3.59 6.43
N CYS A 9 -2.11 -3.64 5.11
CA CYS A 9 -2.61 -4.84 4.44
C CYS A 9 -1.56 -5.96 4.46
N SER A 10 -1.89 -7.05 3.80
CA SER A 10 -0.98 -8.17 3.64
C SER A 10 -0.67 -8.38 2.16
N PRO A 11 0.20 -7.54 1.58
CA PRO A 11 0.62 -7.63 0.18
C PRO A 11 1.21 -8.99 -0.21
N GLU A 12 1.44 -9.17 -1.51
CA GLU A 12 2.02 -10.37 -2.09
C GLU A 12 1.04 -11.54 -2.10
N THR A 13 -0.21 -11.28 -1.71
CA THR A 13 -1.24 -12.30 -1.81
C THR A 13 -2.46 -11.73 -2.54
N GLY A 14 -2.26 -10.65 -3.29
CA GLY A 14 -3.36 -10.04 -4.02
C GLY A 14 -3.90 -8.81 -3.33
N GLU A 15 -3.13 -8.25 -2.42
CA GLU A 15 -3.54 -7.07 -1.67
C GLU A 15 -2.66 -5.89 -2.02
N PHE A 16 -3.24 -4.93 -2.74
CA PHE A 16 -2.51 -3.75 -3.18
C PHE A 16 -3.17 -2.50 -2.62
N CYS A 17 -3.82 -2.63 -1.48
CA CYS A 17 -4.50 -1.51 -0.84
C CYS A 17 -3.52 -0.50 -0.27
N TRP A 18 -3.11 0.45 -1.11
CA TRP A 18 -2.19 1.48 -0.69
C TRP A 18 -2.94 2.63 -0.01
N ARG A 19 -2.21 3.38 0.79
CA ARG A 19 -2.76 4.57 1.43
C ARG A 19 -2.52 5.78 0.54
N GLU A 20 -3.47 6.71 0.54
CA GLU A 20 -3.32 7.92 -0.23
C GLU A 20 -2.58 8.97 0.58
N ASP A 21 -2.20 10.04 -0.09
CA ASP A 21 -1.63 11.23 0.55
C ASP A 21 -0.21 10.98 1.07
N ASP A 22 -0.10 10.22 2.16
CA ASP A 22 1.20 10.00 2.80
C ASP A 22 1.94 8.85 2.13
N CYS A 23 1.22 8.07 1.35
CA CYS A 23 1.81 6.92 0.67
C CYS A 23 1.71 7.08 -0.84
N PRO A 24 2.75 6.63 -1.57
CA PRO A 24 2.74 6.63 -3.04
C PRO A 24 1.77 5.60 -3.59
N PRO A 25 0.95 5.99 -4.60
CA PRO A 25 -0.03 5.10 -5.21
C PRO A 25 0.59 3.83 -5.77
N CYS A 26 -0.10 2.72 -5.59
CA CYS A 26 0.37 1.44 -6.08
C CYS A 26 -0.31 1.09 -7.39
N GLY A 1 3.27 6.05 8.78
CA GLY A 1 2.08 5.28 9.24
C GLY A 1 1.88 4.03 8.41
N CYS A 2 1.54 4.22 7.14
CA CYS A 2 1.37 3.10 6.24
C CYS A 2 2.68 2.84 5.49
N PRO A 3 3.15 1.58 5.48
CA PRO A 3 4.35 1.20 4.73
C PRO A 3 4.10 1.29 3.22
N PRO A 4 5.09 1.81 2.46
CA PRO A 4 4.98 1.99 1.02
C PRO A 4 4.77 0.65 0.29
N CYS A 5 3.89 0.67 -0.71
CA CYS A 5 3.53 -0.52 -1.47
C CYS A 5 2.87 -1.57 -0.59
N ALA A 6 2.37 -1.14 0.56
CA ALA A 6 1.63 -2.02 1.45
C ALA A 6 0.37 -1.33 1.95
N SER A 7 0.49 -0.02 2.19
CA SER A 7 -0.64 0.84 2.50
C SER A 7 -1.29 0.48 3.83
N GLY A 8 -0.56 -0.27 4.66
CA GLY A 8 -1.09 -0.69 5.94
C GLY A 8 -1.78 -2.04 5.86
N CYS A 9 -1.74 -2.64 4.68
CA CYS A 9 -2.37 -3.93 4.45
C CYS A 9 -1.29 -4.98 4.16
N SER A 10 -1.72 -6.14 3.67
CA SER A 10 -0.80 -7.23 3.40
C SER A 10 -0.79 -7.57 1.91
N PRO A 11 0.09 -6.91 1.14
CA PRO A 11 0.17 -7.08 -0.31
C PRO A 11 0.87 -8.38 -0.70
N GLU A 12 0.80 -8.70 -1.99
CA GLU A 12 1.42 -9.90 -2.55
C GLU A 12 0.86 -11.16 -1.89
N THR A 13 -0.42 -11.10 -1.54
CA THR A 13 -1.10 -12.24 -0.94
C THR A 13 -2.37 -12.56 -1.70
N GLY A 14 -2.74 -11.66 -2.58
CA GLY A 14 -4.05 -11.69 -3.20
C GLY A 14 -4.88 -10.52 -2.74
N GLU A 15 -4.34 -9.79 -1.77
CA GLU A 15 -4.97 -8.60 -1.23
C GLU A 15 -4.33 -7.35 -1.82
N PHE A 16 -5.12 -6.57 -2.52
CA PHE A 16 -4.65 -5.32 -3.08
C PHE A 16 -5.15 -4.16 -2.23
N CYS A 17 -4.24 -3.24 -1.89
CA CYS A 17 -4.54 -2.18 -0.95
C CYS A 17 -3.76 -0.92 -1.28
N TRP A 18 -4.45 0.20 -1.44
CA TRP A 18 -3.82 1.45 -1.79
C TRP A 18 -4.21 2.54 -0.79
N ARG A 19 -3.22 3.33 -0.37
CA ARG A 19 -3.44 4.42 0.56
C ARG A 19 -2.72 5.68 0.08
N GLU A 20 -3.42 6.80 0.09
CA GLU A 20 -2.84 8.07 -0.30
C GLU A 20 -2.30 8.79 0.92
N ASP A 21 -1.63 9.91 0.67
CA ASP A 21 -1.21 10.84 1.73
C ASP A 21 0.05 10.38 2.45
N ASP A 22 -0.08 9.36 3.29
CA ASP A 22 1.07 8.86 4.05
C ASP A 22 1.82 7.83 3.23
N CYS A 23 1.19 7.35 2.18
CA CYS A 23 1.84 6.43 1.25
C CYS A 23 1.97 7.06 -0.12
N PRO A 24 3.18 7.00 -0.68
CA PRO A 24 3.49 7.51 -2.01
C PRO A 24 3.09 6.52 -3.11
N PRO A 25 3.19 6.93 -4.39
CA PRO A 25 2.94 6.02 -5.51
C PRO A 25 3.88 4.82 -5.49
N CYS A 26 3.29 3.63 -5.59
CA CYS A 26 4.06 2.40 -5.58
C CYS A 26 4.65 2.15 -6.96
N GLY A 1 3.26 11.87 -3.77
CA GLY A 1 2.57 10.91 -4.67
C GLY A 1 3.24 9.55 -4.67
N CYS A 2 2.67 8.62 -3.92
CA CYS A 2 3.22 7.27 -3.81
C CYS A 2 2.62 6.34 -4.85
N PRO A 3 3.45 5.46 -5.44
CA PRO A 3 2.98 4.43 -6.36
C PRO A 3 2.38 3.24 -5.60
N PRO A 4 1.76 2.27 -6.31
CA PRO A 4 1.17 1.09 -5.68
C PRO A 4 2.10 0.45 -4.65
N CYS A 5 1.57 0.18 -3.46
CA CYS A 5 2.36 -0.31 -2.35
C CYS A 5 1.45 -1.02 -1.37
N ALA A 6 2.04 -1.64 -0.36
CA ALA A 6 1.27 -2.34 0.67
C ALA A 6 0.13 -1.47 1.21
N SER A 7 0.43 -0.18 1.42
CA SER A 7 -0.53 0.80 1.91
C SER A 7 -0.88 0.56 3.38
N GLY A 8 -1.49 -0.58 3.65
CA GLY A 8 -1.85 -0.95 5.00
C GLY A 8 -2.42 -2.34 5.07
N CYS A 9 -2.09 -3.15 4.08
CA CYS A 9 -2.60 -4.51 3.99
C CYS A 9 -1.46 -5.50 3.77
N SER A 10 -1.69 -6.73 4.21
CA SER A 10 -0.77 -7.84 4.04
C SER A 10 -0.29 -7.95 2.59
N PRO A 11 0.99 -7.62 2.36
CA PRO A 11 1.62 -7.68 1.05
C PRO A 11 1.91 -9.11 0.61
N GLU A 12 2.04 -9.28 -0.71
CA GLU A 12 2.42 -10.56 -1.33
C GLU A 12 1.33 -11.62 -1.23
N THR A 13 0.20 -11.27 -0.64
CA THR A 13 -0.93 -12.17 -0.56
C THR A 13 -2.17 -11.52 -1.16
N GLY A 14 -1.94 -10.44 -1.91
CA GLY A 14 -3.04 -9.70 -2.50
C GLY A 14 -3.35 -8.46 -1.72
N GLU A 15 -2.43 -7.51 -1.74
CA GLU A 15 -2.59 -6.27 -1.00
C GLU A 15 -3.36 -5.25 -1.83
N PHE A 16 -4.56 -5.63 -2.18
CA PHE A 16 -5.45 -4.78 -2.97
C PHE A 16 -6.05 -3.69 -2.08
N CYS A 17 -5.19 -2.84 -1.57
CA CYS A 17 -5.57 -1.73 -0.73
C CYS A 17 -4.78 -0.50 -1.18
N TRP A 18 -5.39 0.66 -1.08
CA TRP A 18 -4.71 1.89 -1.46
C TRP A 18 -4.87 2.93 -0.36
N ARG A 19 -3.75 3.48 0.05
CA ARG A 19 -3.75 4.50 1.09
C ARG A 19 -3.11 5.78 0.56
N GLU A 20 -3.84 6.86 0.66
CA GLU A 20 -3.35 8.15 0.22
C GLU A 20 -2.66 8.89 1.37
N ASP A 21 -1.62 9.64 1.02
CA ASP A 21 -0.83 10.43 1.98
C ASP A 21 -0.01 9.55 2.91
N ASP A 22 -0.68 8.84 3.82
CA ASP A 22 -0.01 8.02 4.82
C ASP A 22 0.41 6.69 4.23
N CYS A 23 0.98 6.74 3.04
CA CYS A 23 1.38 5.55 2.33
C CYS A 23 2.89 5.34 2.41
N PRO A 24 3.32 4.10 2.72
CA PRO A 24 4.74 3.74 2.78
C PRO A 24 5.36 3.69 1.38
N PRO A 25 6.65 3.99 1.27
CA PRO A 25 7.35 4.00 -0.01
C PRO A 25 7.64 2.59 -0.54
N CYS A 26 7.24 2.34 -1.78
CA CYS A 26 7.51 1.07 -2.44
C CYS A 26 8.19 1.32 -3.78
N GLY A 1 -0.05 12.31 -4.08
CA GLY A 1 0.67 11.18 -4.73
C GLY A 1 1.92 10.79 -3.96
N CYS A 2 1.81 9.78 -3.11
CA CYS A 2 2.93 9.32 -2.33
C CYS A 2 3.67 8.19 -3.06
N PRO A 3 4.95 7.95 -2.72
CA PRO A 3 5.72 6.86 -3.33
C PRO A 3 5.07 5.50 -3.07
N PRO A 4 4.91 4.68 -4.13
CA PRO A 4 4.29 3.36 -4.03
C PRO A 4 4.93 2.49 -2.95
N CYS A 5 4.09 1.88 -2.12
CA CYS A 5 4.56 1.03 -1.05
C CYS A 5 3.42 0.13 -0.63
N ALA A 6 3.70 -0.77 0.30
CA ALA A 6 2.74 -1.80 0.70
C ALA A 6 1.63 -1.23 1.58
N SER A 7 1.78 0.04 1.95
CA SER A 7 0.77 0.77 2.71
C SER A 7 0.53 0.13 4.09
N GLY A 8 1.50 -0.63 4.57
CA GLY A 8 1.36 -1.31 5.84
C GLY A 8 0.29 -2.38 5.80
N CYS A 9 0.07 -2.95 4.63
CA CYS A 9 -0.93 -4.00 4.46
C CYS A 9 -0.26 -5.27 3.96
N SER A 10 -1.06 -6.27 3.63
CA SER A 10 -0.56 -7.49 3.01
C SER A 10 -0.90 -7.49 1.53
N PRO A 11 -0.01 -6.95 0.69
CA PRO A 11 -0.25 -6.81 -0.74
C PRO A 11 0.09 -8.07 -1.52
N GLU A 12 -0.53 -8.21 -2.69
CA GLU A 12 -0.24 -9.31 -3.62
C GLU A 12 -0.51 -10.68 -3.00
N THR A 13 -1.47 -10.73 -2.09
CA THR A 13 -1.85 -11.98 -1.47
C THR A 13 -3.36 -12.19 -1.57
N GLY A 14 -4.06 -11.20 -2.11
CA GLY A 14 -5.50 -11.31 -2.29
C GLY A 14 -6.24 -10.17 -1.64
N GLU A 15 -5.75 -9.73 -0.49
CA GLU A 15 -6.35 -8.62 0.23
C GLU A 15 -5.81 -7.29 -0.29
N PHE A 16 -6.50 -6.72 -1.25
CA PHE A 16 -6.06 -5.47 -1.86
C PHE A 16 -6.16 -4.32 -0.87
N CYS A 17 -5.02 -3.78 -0.51
CA CYS A 17 -4.96 -2.71 0.47
C CYS A 17 -3.93 -1.68 0.04
N TRP A 18 -4.40 -0.55 -0.45
CA TRP A 18 -3.51 0.49 -0.91
C TRP A 18 -3.97 1.84 -0.38
N ARG A 19 -3.06 2.55 0.25
CA ARG A 19 -3.35 3.87 0.78
C ARG A 19 -2.81 4.94 -0.14
N GLU A 20 -3.66 5.86 -0.51
CA GLU A 20 -3.28 6.96 -1.37
C GLU A 20 -2.87 8.17 -0.52
N ASP A 21 -1.86 8.89 -1.00
CA ASP A 21 -1.38 10.13 -0.39
C ASP A 21 -0.67 9.90 0.94
N ASP A 22 -1.41 9.46 1.95
CA ASP A 22 -0.84 9.26 3.28
C ASP A 22 -0.49 7.79 3.47
N CYS A 23 0.25 7.26 2.51
CA CYS A 23 0.63 5.85 2.54
C CYS A 23 1.93 5.66 3.31
N PRO A 24 1.94 4.70 4.25
CA PRO A 24 3.15 4.33 4.99
C PRO A 24 4.32 4.00 4.06
N PRO A 25 5.51 4.59 4.33
CA PRO A 25 6.70 4.35 3.53
C PRO A 25 7.27 2.95 3.76
N CYS A 26 8.14 2.52 2.86
CA CYS A 26 8.72 1.19 2.96
C CYS A 26 9.93 1.22 3.90
N GLY A 1 -2.88 9.57 -7.14
CA GLY A 1 -2.48 8.85 -5.91
C GLY A 1 -1.07 8.33 -6.00
N CYS A 2 -0.33 8.44 -4.90
CA CYS A 2 1.03 7.96 -4.83
C CYS A 2 1.05 6.43 -4.68
N PRO A 3 2.08 5.77 -5.22
CA PRO A 3 2.22 4.31 -5.16
C PRO A 3 2.35 3.81 -3.71
N PRO A 4 1.55 2.81 -3.34
CA PRO A 4 1.56 2.23 -2.00
C PRO A 4 2.59 1.11 -1.85
N CYS A 5 3.06 0.91 -0.64
CA CYS A 5 3.94 -0.20 -0.33
C CYS A 5 3.74 -0.61 1.12
N ALA A 6 3.48 -1.91 1.33
CA ALA A 6 3.17 -2.47 2.66
C ALA A 6 1.83 -1.94 3.17
N SER A 7 1.77 -0.65 3.49
CA SER A 7 0.52 0.00 3.90
C SER A 7 -0.12 -0.68 5.11
N GLY A 8 0.69 -1.35 5.93
CA GLY A 8 0.19 -1.98 7.13
C GLY A 8 -0.81 -3.09 6.86
N CYS A 9 -0.83 -3.58 5.63
CA CYS A 9 -1.74 -4.63 5.23
C CYS A 9 -0.95 -5.78 4.63
N SER A 10 -1.64 -6.69 3.94
CA SER A 10 -0.98 -7.84 3.34
C SER A 10 -0.94 -7.70 1.83
N PRO A 11 0.11 -7.06 1.30
CA PRO A 11 0.24 -6.85 -0.14
C PRO A 11 0.69 -8.11 -0.86
N GLU A 12 0.35 -8.21 -2.14
CA GLU A 12 0.70 -9.36 -2.96
C GLU A 12 0.11 -10.65 -2.41
N THR A 13 -1.10 -10.55 -1.87
CA THR A 13 -1.81 -11.71 -1.35
C THR A 13 -3.21 -11.79 -1.94
N GLY A 14 -3.43 -11.04 -3.01
CA GLY A 14 -4.76 -10.95 -3.59
C GLY A 14 -5.55 -9.85 -2.93
N GLU A 15 -4.84 -9.03 -2.16
CA GLU A 15 -5.43 -7.94 -1.41
C GLU A 15 -5.01 -6.62 -2.06
N PHE A 16 -5.99 -5.86 -2.53
CA PHE A 16 -5.71 -4.62 -3.24
C PHE A 16 -5.39 -3.50 -2.26
N CYS A 17 -4.16 -3.49 -1.79
CA CYS A 17 -3.69 -2.48 -0.86
C CYS A 17 -3.38 -1.17 -1.56
N TRP A 18 -4.01 -0.10 -1.11
CA TRP A 18 -3.70 1.23 -1.59
C TRP A 18 -3.83 2.23 -0.46
N ARG A 19 -2.88 3.14 -0.37
CA ARG A 19 -2.90 4.18 0.65
C ARG A 19 -2.83 5.54 0.00
N GLU A 20 -3.79 6.39 0.34
CA GLU A 20 -3.89 7.70 -0.26
C GLU A 20 -3.16 8.72 0.59
N ASP A 21 -2.46 9.64 -0.09
CA ASP A 21 -1.82 10.79 0.55
C ASP A 21 -0.68 10.39 1.49
N ASP A 22 -1.02 9.87 2.64
CA ASP A 22 -0.04 9.46 3.64
C ASP A 22 0.43 8.05 3.33
N CYS A 23 0.85 7.85 2.10
CA CYS A 23 1.32 6.56 1.63
C CYS A 23 2.76 6.31 2.06
N PRO A 24 3.01 5.17 2.73
CA PRO A 24 4.35 4.80 3.19
C PRO A 24 5.29 4.48 2.02
N PRO A 25 6.55 4.96 2.10
CA PRO A 25 7.56 4.72 1.07
C PRO A 25 7.94 3.25 1.01
N CYS A 26 8.41 2.82 -0.16
CA CYS A 26 8.75 1.42 -0.36
C CYS A 26 10.25 1.20 -0.22
N GLY A 1 -0.25 7.38 -8.71
CA GLY A 1 0.36 8.08 -7.56
C GLY A 1 1.45 7.25 -6.91
N CYS A 2 1.34 7.04 -5.61
CA CYS A 2 2.27 6.18 -4.90
C CYS A 2 1.88 4.72 -5.05
N PRO A 3 2.82 3.87 -5.49
CA PRO A 3 2.57 2.45 -5.71
C PRO A 3 2.32 1.70 -4.40
N PRO A 4 1.27 0.87 -4.34
CA PRO A 4 0.98 0.08 -3.15
C PRO A 4 2.09 -0.90 -2.84
N CYS A 5 2.55 -0.90 -1.61
CA CYS A 5 3.63 -1.78 -1.19
C CYS A 5 3.45 -2.13 0.28
N ALA A 6 2.28 -1.80 0.79
CA ALA A 6 1.93 -2.00 2.19
C ALA A 6 0.45 -1.74 2.39
N SER A 7 0.06 -0.47 2.42
CA SER A 7 -1.34 -0.08 2.49
C SER A 7 -2.01 -0.59 3.76
N GLY A 8 -1.22 -0.85 4.80
CA GLY A 8 -1.75 -1.39 6.04
C GLY A 8 -2.25 -2.81 5.89
N CYS A 9 -1.94 -3.42 4.76
CA CYS A 9 -2.43 -4.76 4.44
C CYS A 9 -1.25 -5.72 4.30
N SER A 10 -1.52 -6.90 3.74
CA SER A 10 -0.50 -7.90 3.52
C SER A 10 -0.10 -7.92 2.04
N PRO A 11 1.02 -7.26 1.72
CA PRO A 11 1.52 -7.15 0.34
C PRO A 11 1.90 -8.50 -0.25
N GLU A 12 1.89 -8.55 -1.59
CA GLU A 12 2.22 -9.76 -2.37
C GLU A 12 1.07 -10.76 -2.38
N THR A 13 0.07 -10.52 -1.56
CA THR A 13 -1.15 -11.32 -1.61
C THR A 13 -2.39 -10.41 -1.70
N GLY A 14 -2.26 -9.19 -1.20
CA GLY A 14 -3.37 -8.26 -1.28
C GLY A 14 -3.09 -6.94 -0.58
N GLU A 15 -2.48 -6.02 -1.31
CA GLU A 15 -2.27 -4.66 -0.81
C GLU A 15 -3.09 -3.69 -1.65
N PHE A 16 -4.13 -4.24 -2.25
CA PHE A 16 -5.00 -3.49 -3.15
C PHE A 16 -5.91 -2.56 -2.38
N CYS A 17 -5.85 -2.67 -1.07
CA CYS A 17 -6.50 -1.72 -0.18
C CYS A 17 -5.69 -0.44 -0.14
N TRP A 18 -5.57 0.18 -1.31
CA TRP A 18 -4.67 1.31 -1.53
C TRP A 18 -4.98 2.47 -0.59
N ARG A 19 -3.95 2.95 0.06
CA ARG A 19 -4.05 4.06 0.97
C ARG A 19 -3.25 5.24 0.44
N GLU A 20 -3.89 6.39 0.33
CA GLU A 20 -3.25 7.57 -0.20
C GLU A 20 -2.66 8.40 0.93
N ASP A 21 -1.86 9.39 0.55
CA ASP A 21 -1.31 10.38 1.47
C ASP A 21 -0.25 9.78 2.40
N ASP A 22 -0.70 8.91 3.29
CA ASP A 22 0.18 8.26 4.26
C ASP A 22 0.83 7.03 3.65
N CYS A 23 0.83 6.95 2.33
CA CYS A 23 1.36 5.79 1.64
C CYS A 23 2.89 5.77 1.69
N PRO A 24 3.45 4.70 2.26
CA PRO A 24 4.90 4.58 2.44
C PRO A 24 5.62 4.21 1.14
N PRO A 25 6.83 4.73 0.96
CA PRO A 25 7.65 4.44 -0.22
C PRO A 25 8.14 2.99 -0.24
N CYS A 26 8.07 2.37 -1.40
CA CYS A 26 8.42 0.97 -1.54
C CYS A 26 9.91 0.82 -1.86
N GLY A 1 4.22 8.65 -8.20
CA GLY A 1 3.45 8.56 -6.94
C GLY A 1 3.61 7.20 -6.29
N CYS A 2 2.89 6.98 -5.19
CA CYS A 2 2.97 5.72 -4.48
C CYS A 2 1.94 4.73 -5.03
N PRO A 3 2.39 3.53 -5.42
CA PRO A 3 1.51 2.49 -5.96
C PRO A 3 0.82 1.67 -4.87
N PRO A 4 -0.36 1.10 -5.17
CA PRO A 4 -1.08 0.23 -4.23
C PRO A 4 -0.27 -1.00 -3.88
N CYS A 5 -0.17 -1.28 -2.58
CA CYS A 5 0.65 -2.40 -2.12
C CYS A 5 0.30 -2.78 -0.70
N ALA A 6 0.79 -2.02 0.23
CA ALA A 6 0.56 -2.27 1.65
C ALA A 6 -0.57 -1.39 2.19
N SER A 7 -0.19 -0.24 2.76
CA SER A 7 -1.14 0.74 3.28
C SER A 7 -2.06 0.12 4.34
N GLY A 8 -1.53 -0.81 5.11
CA GLY A 8 -2.32 -1.45 6.15
C GLY A 8 -2.72 -2.86 5.78
N CYS A 9 -2.51 -3.23 4.53
CA CYS A 9 -2.89 -4.55 4.04
C CYS A 9 -1.67 -5.30 3.54
N SER A 10 -1.59 -6.57 3.93
CA SER A 10 -0.56 -7.53 3.51
C SER A 10 -0.05 -7.29 2.09
N PRO A 11 1.06 -6.54 1.97
CA PRO A 11 1.67 -6.16 0.69
C PRO A 11 1.91 -7.34 -0.26
N GLU A 12 1.32 -7.25 -1.45
CA GLU A 12 1.58 -8.16 -2.57
C GLU A 12 1.04 -9.58 -2.35
N THR A 13 1.09 -10.06 -1.13
CA THR A 13 0.69 -11.43 -0.82
C THR A 13 -0.84 -11.56 -0.75
N GLY A 14 -1.52 -10.90 -1.67
CA GLY A 14 -2.96 -11.00 -1.76
C GLY A 14 -3.64 -9.66 -1.71
N GLU A 15 -3.12 -8.76 -0.89
CA GLU A 15 -3.74 -7.46 -0.70
C GLU A 15 -2.90 -6.35 -1.29
N PHE A 16 -3.57 -5.37 -1.91
CA PHE A 16 -2.91 -4.22 -2.51
C PHE A 16 -3.67 -2.95 -2.18
N CYS A 17 -3.69 -2.58 -0.91
CA CYS A 17 -4.42 -1.39 -0.48
C CYS A 17 -3.63 -0.12 -0.81
N TRP A 18 -4.36 0.91 -1.21
CA TRP A 18 -3.78 2.21 -1.49
C TRP A 18 -4.23 3.23 -0.47
N ARG A 19 -3.30 4.06 -0.04
CA ARG A 19 -3.59 5.14 0.90
C ARG A 19 -3.12 6.46 0.36
N GLU A 20 -3.81 7.53 0.73
CA GLU A 20 -3.35 8.86 0.45
C GLU A 20 -2.55 9.32 1.64
N ASP A 21 -1.48 10.05 1.39
CA ASP A 21 -0.65 10.63 2.46
C ASP A 21 0.20 9.56 3.14
N ASP A 22 -0.48 8.59 3.75
CA ASP A 22 0.20 7.53 4.50
C ASP A 22 0.39 6.31 3.64
N CYS A 23 0.94 6.50 2.45
CA CYS A 23 1.21 5.38 1.58
C CYS A 23 2.69 5.01 1.62
N PRO A 24 2.99 3.76 2.01
CA PRO A 24 4.36 3.27 2.12
C PRO A 24 4.89 2.74 0.80
N PRO A 25 6.19 2.97 0.51
CA PRO A 25 6.83 2.43 -0.68
C PRO A 25 6.78 0.91 -0.70
N CYS A 26 6.50 0.35 -1.87
CA CYS A 26 6.37 -1.09 -2.00
C CYS A 26 7.70 -1.70 -2.43
N GLY A 1 3.38 8.05 -8.91
CA GLY A 1 3.05 8.12 -7.47
C GLY A 1 3.56 6.93 -6.70
N CYS A 2 3.26 6.89 -5.40
CA CYS A 2 3.71 5.80 -4.54
C CYS A 2 3.07 4.47 -4.93
N PRO A 3 3.90 3.46 -5.27
CA PRO A 3 3.42 2.13 -5.63
C PRO A 3 3.11 1.29 -4.40
N PRO A 4 2.15 0.36 -4.49
CA PRO A 4 1.77 -0.49 -3.37
C PRO A 4 2.72 -1.67 -3.18
N CYS A 5 3.20 -1.82 -1.96
CA CYS A 5 4.02 -2.96 -1.57
C CYS A 5 3.70 -3.35 -0.12
N ALA A 6 2.67 -2.71 0.42
CA ALA A 6 2.27 -2.93 1.79
C ALA A 6 0.93 -2.26 2.07
N SER A 7 0.93 -0.91 1.99
CA SER A 7 -0.27 -0.10 2.21
C SER A 7 -0.68 -0.13 3.69
N GLY A 8 -0.99 -1.32 4.18
CA GLY A 8 -1.42 -1.49 5.55
C GLY A 8 -1.90 -2.91 5.80
N CYS A 9 -2.57 -3.46 4.80
CA CYS A 9 -3.07 -4.82 4.87
C CYS A 9 -2.68 -5.61 3.63
N SER A 10 -2.27 -6.86 3.85
CA SER A 10 -1.91 -7.78 2.78
C SER A 10 -0.77 -7.25 1.90
N PRO A 11 0.44 -7.09 2.47
CA PRO A 11 1.60 -6.58 1.74
C PRO A 11 2.12 -7.55 0.69
N GLU A 12 2.16 -7.10 -0.57
CA GLU A 12 2.74 -7.86 -1.68
C GLU A 12 1.99 -9.17 -1.93
N THR A 13 0.79 -9.28 -1.40
CA THR A 13 -0.04 -10.46 -1.66
C THR A 13 -1.42 -10.02 -2.14
N GLY A 14 -1.49 -8.81 -2.67
CA GLY A 14 -2.73 -8.30 -3.17
C GLY A 14 -3.37 -7.32 -2.21
N GLU A 15 -2.70 -6.19 -1.98
CA GLU A 15 -3.24 -5.15 -1.12
C GLU A 15 -4.21 -4.27 -1.89
N PHE A 16 -5.49 -4.61 -1.79
CA PHE A 16 -6.53 -3.83 -2.46
C PHE A 16 -7.09 -2.79 -1.52
N CYS A 17 -6.70 -2.88 -0.27
CA CYS A 17 -7.02 -1.87 0.72
C CYS A 17 -5.94 -0.81 0.71
N TRP A 18 -6.05 0.07 -0.27
CA TRP A 18 -5.02 1.05 -0.54
C TRP A 18 -5.10 2.25 0.41
N ARG A 19 -3.95 2.77 0.76
CA ARG A 19 -3.84 3.97 1.56
C ARG A 19 -3.12 5.05 0.78
N GLU A 20 -3.85 6.08 0.41
CA GLU A 20 -3.28 7.17 -0.33
C GLU A 20 -2.80 8.24 0.64
N ASP A 21 -2.03 9.19 0.13
CA ASP A 21 -1.51 10.30 0.93
C ASP A 21 -0.44 9.81 1.90
N ASP A 22 -0.87 9.11 2.94
CA ASP A 22 0.04 8.53 3.92
C ASP A 22 0.50 7.17 3.45
N CYS A 23 0.87 7.08 2.18
CA CYS A 23 1.28 5.83 1.57
C CYS A 23 2.77 5.60 1.78
N PRO A 24 3.15 4.37 2.16
CA PRO A 24 4.55 4.01 2.32
C PRO A 24 5.24 3.76 0.98
N PRO A 25 6.41 4.37 0.76
CA PRO A 25 7.19 4.16 -0.46
C PRO A 25 7.71 2.73 -0.58
N CYS A 26 8.14 2.35 -1.77
CA CYS A 26 8.60 1.00 -2.02
C CYS A 26 10.01 1.04 -2.61
N GLY A 1 -0.31 8.77 -6.50
CA GLY A 1 -0.15 7.57 -5.65
C GLY A 1 1.31 7.30 -5.33
N CYS A 2 1.55 6.58 -4.26
CA CYS A 2 2.91 6.23 -3.86
C CYS A 2 3.37 4.98 -4.59
N PRO A 3 4.66 4.92 -4.97
CA PRO A 3 5.25 3.74 -5.62
C PRO A 3 4.91 2.45 -4.87
N PRO A 4 4.56 1.38 -5.60
CA PRO A 4 4.06 0.13 -5.01
C PRO A 4 4.94 -0.37 -3.87
N CYS A 5 4.30 -0.68 -2.76
CA CYS A 5 5.00 -1.07 -1.54
C CYS A 5 3.98 -1.65 -0.57
N ALA A 6 4.32 -1.65 0.71
CA ALA A 6 3.43 -2.18 1.76
C ALA A 6 2.06 -1.52 1.69
N SER A 7 2.04 -0.20 1.47
CA SER A 7 0.82 0.58 1.39
C SER A 7 0.11 0.65 2.74
N GLY A 8 -0.43 -0.48 3.19
CA GLY A 8 -1.14 -0.52 4.45
C GLY A 8 -1.92 -1.79 4.63
N CYS A 9 -2.69 -2.17 3.62
CA CYS A 9 -3.55 -3.34 3.71
C CYS A 9 -2.85 -4.59 3.18
N SER A 10 -2.27 -5.34 4.11
CA SER A 10 -1.61 -6.61 3.83
C SER A 10 -0.68 -6.55 2.61
N PRO A 11 0.59 -6.17 2.84
CA PRO A 11 1.59 -5.99 1.78
C PRO A 11 1.74 -7.19 0.85
N GLU A 12 1.51 -6.96 -0.44
CA GLU A 12 1.76 -7.94 -1.50
C GLU A 12 1.07 -9.27 -1.25
N THR A 13 -0.16 -9.20 -0.77
CA THR A 13 -0.93 -10.39 -0.46
C THR A 13 -2.04 -10.59 -1.47
N GLY A 14 -2.35 -9.53 -2.22
CA GLY A 14 -3.43 -9.59 -3.17
C GLY A 14 -4.59 -8.72 -2.75
N GLU A 15 -4.41 -7.98 -1.67
CA GLU A 15 -5.47 -7.09 -1.18
C GLU A 15 -5.68 -5.92 -2.12
N PHE A 16 -6.94 -5.64 -2.41
CA PHE A 16 -7.31 -4.52 -3.26
C PHE A 16 -7.39 -3.25 -2.43
N CYS A 17 -7.36 -3.47 -1.13
CA CYS A 17 -7.34 -2.38 -0.17
C CYS A 17 -6.05 -1.58 -0.31
N TRP A 18 -6.17 -0.37 -0.83
CA TRP A 18 -5.02 0.49 -0.98
C TRP A 18 -5.07 1.60 0.06
N ARG A 19 -3.94 1.88 0.67
CA ARG A 19 -3.84 2.98 1.60
C ARG A 19 -3.07 4.10 0.96
N GLU A 20 -3.75 5.18 0.68
CA GLU A 20 -3.14 6.35 0.09
C GLU A 20 -2.75 7.32 1.17
N ASP A 21 -1.93 8.30 0.81
CA ASP A 21 -1.59 9.44 1.66
C ASP A 21 -0.63 9.05 2.79
N ASP A 22 -0.94 7.97 3.50
CA ASP A 22 -0.13 7.52 4.62
C ASP A 22 0.67 6.29 4.24
N CYS A 23 0.95 6.16 2.95
CA CYS A 23 1.66 5.00 2.45
C CYS A 23 3.11 5.36 2.15
N PRO A 24 4.06 4.53 2.63
CA PRO A 24 5.48 4.79 2.40
C PRO A 24 5.87 4.52 0.94
N PRO A 25 6.56 5.48 0.30
CA PRO A 25 7.09 5.31 -1.05
C PRO A 25 8.28 4.38 -1.06
N CYS A 26 8.26 3.42 -1.96
CA CYS A 26 9.35 2.47 -2.06
C CYS A 26 9.80 2.33 -3.52
N GLY A 1 1.70 10.03 -7.14
CA GLY A 1 1.12 9.26 -6.03
C GLY A 1 1.93 8.02 -5.73
N CYS A 2 1.87 7.57 -4.48
CA CYS A 2 2.61 6.40 -4.05
C CYS A 2 1.97 5.13 -4.62
N PRO A 3 2.77 4.23 -5.21
CA PRO A 3 2.29 2.93 -5.64
C PRO A 3 2.07 2.01 -4.44
N PRO A 4 0.90 1.38 -4.34
CA PRO A 4 0.56 0.54 -3.19
C PRO A 4 1.06 -0.89 -3.33
N CYS A 5 1.72 -1.37 -2.29
CA CYS A 5 2.15 -2.75 -2.22
C CYS A 5 1.94 -3.28 -0.81
N ALA A 6 1.35 -2.45 0.03
CA ALA A 6 1.07 -2.81 1.41
C ALA A 6 0.00 -1.89 2.00
N SER A 7 0.45 -0.76 2.53
CA SER A 7 -0.44 0.20 3.18
C SER A 7 -1.16 -0.44 4.37
N GLY A 8 -0.43 -1.26 5.11
CA GLY A 8 -1.01 -2.00 6.21
C GLY A 8 -1.64 -3.30 5.75
N CYS A 9 -2.24 -3.27 4.57
CA CYS A 9 -2.88 -4.43 3.99
C CYS A 9 -1.85 -5.49 3.63
N SER A 10 -2.21 -6.75 3.90
CA SER A 10 -1.38 -7.92 3.62
C SER A 10 -0.65 -7.83 2.29
N PRO A 11 0.68 -7.64 2.36
CA PRO A 11 1.55 -7.60 1.19
C PRO A 11 1.85 -8.98 0.63
N GLU A 12 2.20 -9.01 -0.67
CA GLU A 12 2.67 -10.22 -1.35
C GLU A 12 1.58 -11.26 -1.53
N THR A 13 0.33 -10.86 -1.35
CA THR A 13 -0.78 -11.79 -1.48
C THR A 13 -1.85 -11.23 -2.43
N GLY A 14 -1.54 -10.11 -3.07
CA GLY A 14 -2.48 -9.48 -3.97
C GLY A 14 -3.69 -8.92 -3.25
N GLU A 15 -3.46 -8.42 -2.04
CA GLU A 15 -4.52 -7.88 -1.21
C GLU A 15 -4.13 -6.52 -0.65
N PHE A 16 -3.35 -5.80 -1.43
CA PHE A 16 -2.85 -4.50 -1.02
C PHE A 16 -3.90 -3.41 -1.26
N CYS A 17 -3.79 -2.32 -0.53
CA CYS A 17 -4.73 -1.23 -0.62
C CYS A 17 -4.00 0.09 -0.88
N TRP A 18 -4.73 1.06 -1.41
CA TRP A 18 -4.17 2.37 -1.68
C TRP A 18 -4.24 3.25 -0.43
N ARG A 19 -3.17 3.95 -0.15
CA ARG A 19 -3.13 4.86 0.98
C ARG A 19 -2.98 6.29 0.50
N GLU A 20 -3.85 7.15 0.98
CA GLU A 20 -3.83 8.55 0.59
C GLU A 20 -2.98 9.36 1.56
N ASP A 21 -2.34 10.40 1.03
CA ASP A 21 -1.58 11.37 1.82
C ASP A 21 -0.34 10.76 2.48
N ASP A 22 -0.54 9.96 3.52
CA ASP A 22 0.56 9.33 4.23
C ASP A 22 0.84 7.96 3.64
N CYS A 23 1.02 7.93 2.33
CA CYS A 23 1.24 6.70 1.60
C CYS A 23 2.68 6.21 1.75
N PRO A 24 2.84 4.93 2.12
CA PRO A 24 4.15 4.29 2.19
C PRO A 24 4.60 3.84 0.79
N PRO A 25 5.88 4.09 0.45
CA PRO A 25 6.43 3.70 -0.85
C PRO A 25 6.53 2.18 -0.99
N CYS A 26 6.56 1.71 -2.23
CA CYS A 26 6.64 0.29 -2.51
C CYS A 26 8.09 -0.13 -2.73
N GLY A 1 2.98 9.30 -7.50
CA GLY A 1 4.39 9.06 -7.12
C GLY A 1 4.57 7.79 -6.31
N CYS A 2 3.85 7.68 -5.20
CA CYS A 2 3.94 6.50 -4.36
C CYS A 2 3.08 5.36 -4.93
N PRO A 3 3.65 4.15 -5.00
CA PRO A 3 2.95 2.97 -5.49
C PRO A 3 2.07 2.32 -4.41
N PRO A 4 0.95 1.69 -4.81
CA PRO A 4 0.12 0.91 -3.89
C PRO A 4 0.93 -0.20 -3.23
N CYS A 5 0.83 -0.29 -1.92
CA CYS A 5 1.73 -1.14 -1.18
C CYS A 5 1.03 -1.71 0.07
N ALA A 6 1.78 -1.84 1.16
CA ALA A 6 1.24 -2.39 2.39
C ALA A 6 0.01 -1.63 2.88
N SER A 7 0.21 -0.42 3.38
CA SER A 7 -0.89 0.41 3.89
C SER A 7 -1.60 -0.32 5.02
N GLY A 8 -0.83 -1.02 5.84
CA GLY A 8 -1.40 -1.77 6.94
C GLY A 8 -1.81 -3.17 6.54
N CYS A 9 -1.91 -3.40 5.24
CA CYS A 9 -2.31 -4.70 4.72
C CYS A 9 -1.08 -5.53 4.35
N SER A 10 -1.32 -6.69 3.75
CA SER A 10 -0.23 -7.60 3.39
C SER A 10 -0.23 -7.87 1.88
N PRO A 11 0.31 -6.93 1.09
CA PRO A 11 0.42 -7.05 -0.37
C PRO A 11 1.18 -8.30 -0.80
N GLU A 12 1.15 -8.56 -2.12
CA GLU A 12 1.82 -9.70 -2.72
C GLU A 12 1.13 -11.01 -2.35
N THR A 13 -0.05 -10.90 -1.77
CA THR A 13 -0.83 -12.07 -1.40
C THR A 13 -2.14 -12.10 -2.20
N GLY A 14 -2.24 -11.21 -3.18
CA GLY A 14 -3.46 -11.05 -3.91
C GLY A 14 -4.29 -9.90 -3.38
N GLU A 15 -3.90 -9.42 -2.21
CA GLU A 15 -4.57 -8.30 -1.58
C GLU A 15 -3.59 -7.16 -1.35
N PHE A 16 -3.92 -5.98 -1.86
CA PHE A 16 -3.11 -4.80 -1.62
C PHE A 16 -4.02 -3.63 -1.26
N CYS A 17 -3.49 -2.66 -0.54
CA CYS A 17 -4.30 -1.54 -0.10
C CYS A 17 -3.65 -0.22 -0.50
N TRP A 18 -4.47 0.71 -0.98
CA TRP A 18 -4.00 2.02 -1.33
C TRP A 18 -4.28 3.02 -0.21
N ARG A 19 -3.39 3.99 -0.05
CA ARG A 19 -3.57 5.03 0.93
C ARG A 19 -3.18 6.37 0.33
N GLU A 20 -3.93 7.40 0.67
CA GLU A 20 -3.65 8.75 0.18
C GLU A 20 -2.75 9.50 1.16
N ASP A 21 -2.19 10.60 0.68
CA ASP A 21 -1.35 11.50 1.49
C ASP A 21 -0.12 10.79 2.04
N ASP A 22 -0.22 10.24 3.25
CA ASP A 22 0.90 9.55 3.87
C ASP A 22 0.93 8.11 3.36
N CYS A 23 0.91 8.00 2.05
CA CYS A 23 0.88 6.73 1.36
C CYS A 23 2.17 5.95 1.61
N PRO A 24 2.04 4.64 1.85
CA PRO A 24 3.16 3.77 2.18
C PRO A 24 4.05 3.46 0.98
N PRO A 25 5.37 3.57 1.16
CA PRO A 25 6.34 3.19 0.14
C PRO A 25 6.63 1.69 0.21
N CYS A 26 7.22 1.15 -0.82
CA CYS A 26 7.52 -0.28 -0.87
C CYS A 26 8.98 -0.55 -0.53
N GLY A 1 1.99 11.74 -8.27
CA GLY A 1 1.29 10.69 -7.50
C GLY A 1 2.24 9.94 -6.58
N CYS A 2 1.68 9.22 -5.63
CA CYS A 2 2.46 8.45 -4.67
C CYS A 2 2.63 7.02 -5.16
N PRO A 3 3.84 6.46 -4.97
CA PRO A 3 4.14 5.07 -5.33
C PRO A 3 3.38 4.07 -4.46
N PRO A 4 2.71 3.08 -5.08
CA PRO A 4 1.96 2.06 -4.35
C PRO A 4 2.87 1.15 -3.53
N CYS A 5 2.52 0.95 -2.26
CA CYS A 5 3.31 0.13 -1.36
C CYS A 5 2.38 -0.59 -0.39
N ALA A 6 2.91 -1.10 0.71
CA ALA A 6 2.16 -1.98 1.61
C ALA A 6 0.88 -1.34 2.15
N SER A 7 0.96 -0.04 2.44
CA SER A 7 -0.20 0.75 2.86
C SER A 7 -0.72 0.31 4.23
N GLY A 8 0.09 -0.44 4.97
CA GLY A 8 -0.31 -0.93 6.28
C GLY A 8 -1.02 -2.28 6.17
N CYS A 9 -1.24 -2.72 4.94
CA CYS A 9 -1.91 -3.98 4.69
C CYS A 9 -0.89 -5.04 4.29
N SER A 10 -1.37 -6.24 3.98
CA SER A 10 -0.51 -7.34 3.60
C SER A 10 -0.57 -7.58 2.09
N PRO A 11 0.44 -7.10 1.37
CA PRO A 11 0.55 -7.26 -0.08
C PRO A 11 0.87 -8.69 -0.49
N GLU A 12 0.65 -8.99 -1.77
CA GLU A 12 0.99 -10.28 -2.38
C GLU A 12 0.19 -11.43 -1.76
N THR A 13 -1.04 -11.14 -1.38
CA THR A 13 -1.94 -12.18 -0.90
C THR A 13 -3.28 -12.11 -1.65
N GLY A 14 -3.33 -11.24 -2.64
CA GLY A 14 -4.55 -11.06 -3.42
C GLY A 14 -5.28 -9.80 -3.02
N GLU A 15 -4.97 -9.29 -1.84
CA GLU A 15 -5.56 -8.06 -1.34
C GLU A 15 -4.76 -6.86 -1.83
N PHE A 16 -5.30 -6.17 -2.82
CA PHE A 16 -4.64 -4.99 -3.37
C PHE A 16 -5.00 -3.75 -2.57
N CYS A 17 -4.48 -3.69 -1.36
CA CYS A 17 -4.76 -2.58 -0.46
C CYS A 17 -3.83 -1.41 -0.75
N TRP A 18 -4.41 -0.22 -0.87
CA TRP A 18 -3.64 0.99 -1.12
C TRP A 18 -4.13 2.12 -0.22
N ARG A 19 -3.17 2.84 0.34
CA ARG A 19 -3.45 4.01 1.15
C ARG A 19 -2.80 5.23 0.55
N GLU A 20 -3.62 6.20 0.21
CA GLU A 20 -3.13 7.46 -0.30
C GLU A 20 -2.92 8.43 0.85
N ASP A 21 -2.29 9.55 0.56
CA ASP A 21 -1.95 10.57 1.56
C ASP A 21 -0.88 10.07 2.52
N ASP A 22 -1.28 9.23 3.46
CA ASP A 22 -0.35 8.65 4.42
C ASP A 22 0.27 7.39 3.82
N CYS A 23 0.74 7.51 2.60
CA CYS A 23 1.35 6.40 1.89
C CYS A 23 2.85 6.35 2.17
N PRO A 24 3.33 5.21 2.66
CA PRO A 24 4.74 5.03 2.97
C PRO A 24 5.55 4.56 1.76
N PRO A 25 6.67 5.23 1.48
CA PRO A 25 7.59 4.80 0.43
C PRO A 25 8.20 3.44 0.73
N CYS A 26 8.10 2.53 -0.20
CA CYS A 26 8.64 1.19 -0.03
C CYS A 26 10.00 1.08 -0.69
N GLY A 1 -3.76 5.70 -7.95
CA GLY A 1 -3.34 6.47 -6.75
C GLY A 1 -1.94 6.11 -6.31
N CYS A 2 -1.73 6.02 -5.01
CA CYS A 2 -0.44 5.64 -4.47
C CYS A 2 -0.18 4.15 -4.73
N PRO A 3 1.08 3.76 -4.95
CA PRO A 3 1.44 2.36 -5.18
C PRO A 3 1.35 1.53 -3.90
N PRO A 4 0.67 0.38 -3.96
CA PRO A 4 0.55 -0.52 -2.80
C PRO A 4 1.88 -1.20 -2.48
N CYS A 5 2.26 -1.15 -1.21
CA CYS A 5 3.50 -1.76 -0.77
C CYS A 5 3.25 -2.58 0.48
N ALA A 6 2.23 -2.19 1.20
CA ALA A 6 1.83 -2.87 2.43
C ALA A 6 0.55 -2.24 2.98
N SER A 7 0.71 -1.11 3.67
CA SER A 7 -0.43 -0.37 4.24
C SER A 7 -1.27 -1.25 5.18
N GLY A 8 -0.65 -2.32 5.68
CA GLY A 8 -1.35 -3.25 6.55
C GLY A 8 -2.52 -3.95 5.87
N CYS A 9 -2.55 -3.92 4.55
CA CYS A 9 -3.63 -4.54 3.80
C CYS A 9 -3.14 -5.83 3.14
N SER A 10 -2.81 -6.81 3.95
CA SER A 10 -2.35 -8.11 3.49
C SER A 10 -1.22 -7.95 2.47
N PRO A 11 -0.03 -7.54 2.93
CA PRO A 11 1.11 -7.28 2.05
C PRO A 11 1.58 -8.54 1.32
N GLU A 12 1.94 -8.35 0.05
CA GLU A 12 2.50 -9.42 -0.78
C GLU A 12 1.49 -10.53 -1.04
N THR A 13 0.21 -10.19 -1.07
CA THR A 13 -0.82 -11.17 -1.42
C THR A 13 -1.53 -10.75 -2.70
N GLY A 14 -1.19 -9.56 -3.19
CA GLY A 14 -1.84 -9.03 -4.36
C GLY A 14 -3.05 -8.18 -3.99
N GLU A 15 -3.18 -7.87 -2.71
CA GLU A 15 -4.26 -7.01 -2.25
C GLU A 15 -3.97 -5.55 -2.60
N PHE A 16 -4.82 -4.98 -3.44
CA PHE A 16 -4.63 -3.61 -3.89
C PHE A 16 -5.23 -2.64 -2.88
N CYS A 17 -4.50 -2.43 -1.79
CA CYS A 17 -4.91 -1.51 -0.76
C CYS A 17 -3.70 -0.70 -0.31
N TRP A 18 -3.80 0.61 -0.44
CA TRP A 18 -2.70 1.49 -0.13
C TRP A 18 -3.15 2.64 0.76
N ARG A 19 -2.20 3.24 1.45
CA ARG A 19 -2.47 4.42 2.25
C ARG A 19 -2.60 5.64 1.35
N GLU A 20 -3.56 6.50 1.63
CA GLU A 20 -3.73 7.72 0.85
C GLU A 20 -2.95 8.86 1.50
N ASP A 21 -2.40 9.72 0.66
CA ASP A 21 -1.66 10.92 1.08
C ASP A 21 -0.37 10.59 1.80
N ASP A 22 -0.46 9.91 2.94
CA ASP A 22 0.71 9.51 3.72
C ASP A 22 1.31 8.25 3.12
N CYS A 23 1.36 8.20 1.81
CA CYS A 23 1.77 7.01 1.09
C CYS A 23 3.20 7.11 0.60
N PRO A 24 4.00 6.08 0.85
CA PRO A 24 5.37 5.99 0.34
C PRO A 24 5.41 5.38 -1.06
N PRO A 25 6.25 5.92 -1.96
CA PRO A 25 6.45 5.36 -3.28
C PRO A 25 7.16 4.02 -3.22
N CYS A 26 6.51 2.99 -3.73
CA CYS A 26 7.05 1.63 -3.67
C CYS A 26 6.99 1.00 -5.06
N GLY A 1 0.28 9.93 -6.84
CA GLY A 1 0.10 8.84 -5.87
C GLY A 1 1.38 8.07 -5.63
N CYS A 2 1.47 7.38 -4.51
CA CYS A 2 2.64 6.59 -4.19
C CYS A 2 2.56 5.23 -4.86
N PRO A 3 3.71 4.65 -5.24
CA PRO A 3 3.75 3.31 -5.84
C PRO A 3 3.34 2.23 -4.85
N PRO A 4 2.42 1.34 -5.27
CA PRO A 4 1.93 0.27 -4.41
C PRO A 4 3.04 -0.69 -4.03
N CYS A 5 3.15 -1.00 -2.75
CA CYS A 5 4.19 -1.90 -2.24
C CYS A 5 4.01 -2.13 -0.75
N ALA A 6 3.45 -1.14 -0.09
CA ALA A 6 3.20 -1.23 1.34
C ALA A 6 1.93 -0.48 1.73
N SER A 7 1.22 0.02 0.75
CA SER A 7 0.03 0.84 0.98
C SER A 7 -1.21 -0.05 1.01
N GLY A 8 -1.07 -1.25 1.55
CA GLY A 8 -2.17 -2.18 1.56
C GLY A 8 -2.31 -2.93 2.87
N CYS A 9 -3.26 -3.86 2.91
CA CYS A 9 -3.50 -4.65 4.11
C CYS A 9 -2.72 -5.96 4.01
N SER A 10 -1.52 -5.97 4.59
CA SER A 10 -0.58 -7.07 4.43
C SER A 10 -0.11 -7.12 2.99
N PRO A 11 0.79 -6.18 2.62
CA PRO A 11 1.22 -5.98 1.23
C PRO A 11 1.79 -7.22 0.56
N GLU A 12 1.55 -7.32 -0.75
CA GLU A 12 2.10 -8.37 -1.60
C GLU A 12 1.46 -9.74 -1.30
N THR A 13 0.19 -9.74 -0.94
CA THR A 13 -0.55 -10.98 -0.73
C THR A 13 -1.84 -10.97 -1.55
N GLY A 14 -1.98 -9.98 -2.42
CA GLY A 14 -3.19 -9.84 -3.20
C GLY A 14 -4.24 -9.05 -2.45
N GLU A 15 -3.76 -8.20 -1.54
CA GLU A 15 -4.64 -7.37 -0.73
C GLU A 15 -5.34 -6.32 -1.58
N PHE A 16 -6.62 -6.09 -1.31
CA PHE A 16 -7.36 -5.07 -2.02
C PHE A 16 -7.45 -3.81 -1.17
N CYS A 17 -6.32 -3.19 -0.93
CA CYS A 17 -6.25 -1.99 -0.12
C CYS A 17 -5.34 -0.96 -0.76
N TRP A 18 -5.73 0.30 -0.68
CA TRP A 18 -4.91 1.39 -1.16
C TRP A 18 -4.97 2.53 -0.17
N ARG A 19 -3.82 3.01 0.25
CA ARG A 19 -3.76 4.10 1.20
C ARG A 19 -3.14 5.33 0.56
N GLU A 20 -3.80 6.46 0.75
CA GLU A 20 -3.29 7.73 0.31
C GLU A 20 -2.53 8.40 1.44
N ASP A 21 -1.84 9.48 1.10
CA ASP A 21 -1.25 10.39 2.09
C ASP A 21 -0.11 9.73 2.87
N ASP A 22 -0.43 9.05 3.97
CA ASP A 22 0.60 8.44 4.82
C ASP A 22 0.90 7.02 4.36
N CYS A 23 1.05 6.85 3.05
CA CYS A 23 1.32 5.55 2.49
C CYS A 23 2.82 5.28 2.47
N PRO A 24 3.27 4.21 3.14
CA PRO A 24 4.68 3.84 3.20
C PRO A 24 5.23 3.41 1.84
N PRO A 25 6.41 3.92 1.48
CA PRO A 25 7.05 3.63 0.18
C PRO A 25 7.57 2.19 0.10
N CYS A 26 7.88 1.76 -1.11
CA CYS A 26 8.38 0.42 -1.33
C CYS A 26 9.79 0.28 -0.76
N GLY A 1 3.75 7.54 7.41
CA GLY A 1 2.39 7.02 7.18
C GLY A 1 2.39 5.52 6.99
N CYS A 2 1.84 5.05 5.89
CA CYS A 2 1.80 3.64 5.59
C CYS A 2 3.04 3.25 4.78
N PRO A 3 3.65 2.09 5.08
CA PRO A 3 4.84 1.61 4.38
C PRO A 3 4.57 1.45 2.87
N PRO A 4 5.47 1.98 2.04
CA PRO A 4 5.31 1.97 0.59
C PRO A 4 5.29 0.56 0.02
N CYS A 5 4.45 0.35 -1.00
CA CYS A 5 4.29 -0.94 -1.65
C CYS A 5 3.62 -1.95 -0.71
N ALA A 6 3.09 -1.46 0.39
CA ALA A 6 2.36 -2.30 1.33
C ALA A 6 1.09 -1.60 1.78
N SER A 7 1.20 -0.28 1.95
CA SER A 7 0.05 0.60 2.14
C SER A 7 -0.68 0.32 3.45
N GLY A 8 -0.03 -0.37 4.36
CA GLY A 8 -0.64 -0.69 5.63
C GLY A 8 -1.42 -1.99 5.59
N CYS A 9 -1.39 -2.63 4.43
CA CYS A 9 -2.07 -3.90 4.23
C CYS A 9 -1.05 -5.01 4.01
N SER A 10 -1.54 -6.21 3.73
CA SER A 10 -0.67 -7.34 3.46
C SER A 10 -0.75 -7.71 1.98
N PRO A 11 0.18 -7.17 1.16
CA PRO A 11 0.19 -7.39 -0.28
C PRO A 11 0.65 -8.80 -0.64
N GLU A 12 0.51 -9.14 -1.94
CA GLU A 12 0.91 -10.44 -2.46
C GLU A 12 0.12 -11.57 -1.81
N THR A 13 -1.11 -11.26 -1.40
CA THR A 13 -1.99 -12.24 -0.79
C THR A 13 -3.21 -12.47 -1.65
N GLY A 14 -3.66 -11.42 -2.31
CA GLY A 14 -4.86 -11.49 -3.12
C GLY A 14 -5.73 -10.26 -2.92
N GLU A 15 -5.50 -9.57 -1.82
CA GLU A 15 -6.24 -8.36 -1.50
C GLU A 15 -5.56 -7.15 -2.11
N PHE A 16 -6.36 -6.27 -2.71
CA PHE A 16 -5.84 -5.06 -3.31
C PHE A 16 -5.87 -3.92 -2.30
N CYS A 17 -4.77 -3.19 -2.18
CA CYS A 17 -4.66 -2.12 -1.21
C CYS A 17 -3.77 -1.01 -1.73
N TRP A 18 -4.25 0.23 -1.61
CA TRP A 18 -3.49 1.39 -2.05
C TRP A 18 -3.12 2.25 -0.83
N ARG A 19 -2.08 3.07 -1.00
CA ARG A 19 -1.56 3.92 0.06
C ARG A 19 -2.60 4.97 0.48
N GLU A 20 -2.59 5.34 1.76
CA GLU A 20 -3.54 6.32 2.26
C GLU A 20 -2.94 7.73 2.22
N ASP A 21 -3.71 8.66 1.68
CA ASP A 21 -3.42 10.09 1.79
C ASP A 21 -2.06 10.50 1.20
N ASP A 22 -1.08 10.70 2.07
CA ASP A 22 0.20 11.25 1.68
C ASP A 22 1.32 10.24 1.84
N CYS A 23 0.92 8.98 1.86
CA CYS A 23 1.86 7.87 1.91
C CYS A 23 2.91 7.96 0.80
N PRO A 24 4.14 7.47 1.09
CA PRO A 24 5.26 7.51 0.13
C PRO A 24 4.96 6.73 -1.15
N PRO A 25 5.57 7.13 -2.28
CA PRO A 25 5.35 6.50 -3.58
C PRO A 25 5.96 5.11 -3.69
N CYS A 26 5.18 4.16 -4.19
CA CYS A 26 5.67 2.83 -4.43
C CYS A 26 6.25 2.74 -5.83
#